data_1XCZ
#
_entry.id   1XCZ
#
_cell.length_a   1.000
_cell.length_b   1.000
_cell.length_c   1.000
_cell.angle_alpha   90.00
_cell.angle_beta   90.00
_cell.angle_gamma   90.00
#
_symmetry.space_group_name_H-M   'P 1'
#
loop_
_entity.id
_entity.type
_entity.pdbx_description
1 polymer "5'-D(*CP*GP*TP*AP*CP*(DXD)P*CP*AP*TP*GP*C)-3'"
2 polymer "5'-D(*GP*CP*AP*TP*GP*AP*GP*TP*AP*CP*G)-3'"
#
loop_
_entity_poly.entity_id
_entity_poly.type
_entity_poly.pdbx_seq_one_letter_code
_entity_poly.pdbx_strand_id
1 'polydeoxyribonucleotide' (DC)(DG)(DT)(DA)(DC)(DXD)(DC)(DA)(DT)(DG)(DC) A
2 'polydeoxyribonucleotide' (DG)(DC)(DA)(DT)(DG)(DA)(DG)(DT)(DA)(DC)(DG) B
#
loop_
_chem_comp.id
_chem_comp.type
_chem_comp.name
_chem_comp.formula
DA DNA linking 2'-DEOXYADENOSINE-5'-MONOPHOSPHATE 'C10 H14 N5 O6 P'
DC DNA linking 2'-DEOXYCYTIDINE-5'-MONOPHOSPHATE 'C9 H14 N3 O7 P'
DG DNA linking 2'-DEOXYGUANOSINE-5'-MONOPHOSPHATE 'C10 H14 N5 O7 P'
DT DNA linking THYMIDINE-5'-MONOPHOSPHATE 'C10 H15 N2 O8 P'
DXD DNA linking (1S,3S,4R)-4-(PHOSPHOOXYMETHYL)-CYCLOPENTANE-1,3-DIOL 'C6 H13 O6 P'
#
# COMPACT_ATOMS: atom_id res chain seq x y z
P DXD A 6 -0.31 -3.59 -0.60
OP1 DXD A 6 -1.15 -3.57 0.62
OP2 DXD A 6 -0.93 -3.93 -1.90
O5' DXD A 6 0.39 -2.15 -0.75
C5' DXD A 6 1.03 -1.51 0.37
C4' DXD A 6 0.77 0.02 0.52
C1' DXD A 6 -0.21 1.19 -1.50
C6' DXD A 6 1.28 0.77 -0.71
O6' DXD A 6 0.00 1.34 -2.91
C2' DXD A 6 -1.08 0.05 -1.00
C3' DXD A 6 -0.76 0.23 0.57
O3' DXD A 6 -1.17 1.53 1.01
H5'1 DXD A 6 2.11 -1.62 0.26
H5'2 DXD A 6 0.70 -2.00 1.29
H4' DXD A 6 1.34 0.24 1.42
H1' DXD A 6 -0.95 1.92 -1.24
H6'1 DXD A 6 1.59 1.79 -0.50
H6'2 DXD A 6 2.18 0.18 -0.89
H7' DXD A 6 0.45 0.56 -3.23
H2'1 DXD A 6 -0.73 -0.85 -1.53
H2'2 DXD A 6 -2.12 0.17 -1.28
H3' DXD A 6 -1.19 -0.39 1.36
P DXD A 6 -0.31 -2.10 0.78
OP1 DXD A 6 -0.83 -2.10 2.16
OP2 DXD A 6 -1.18 -2.54 -0.34
O5' DXD A 6 0.24 -0.63 0.43
C5' DXD A 6 1.06 0.09 1.38
C4' DXD A 6 0.91 1.63 1.36
C1' DXD A 6 -0.19 2.63 -0.68
C6' DXD A 6 1.34 2.21 0.01
O6' DXD A 6 -0.13 2.60 -2.11
C2' DXD A 6 -1.08 1.62 0.04
C3' DXD A 6 -0.59 1.95 1.54
O3' DXD A 6 -0.90 3.31 1.87
H5'1 DXD A 6 2.11 -0.13 1.16
H5'2 DXD A 6 0.81 -0.26 2.38
H4' DXD A 6 1.59 1.92 2.16
H1' DXD A 6 -0.87 3.45 -0.43
H6'1 DXD A 6 1.72 3.22 0.06
H6'2 DXD A 6 2.17 1.53 -0.19
H7' DXD A 6 0.22 1.75 -2.35
H2'1 DXD A 6 -0.84 0.66 -0.41
H2'2 DXD A 6 -2.14 1.80 -0.13
H3' DXD A 6 -0.94 1.44 2.43
P DXD A 6 -1.17 -2.65 -1.80
OP1 DXD A 6 -1.97 -2.78 -0.57
OP2 DXD A 6 -1.85 -2.64 -3.12
O5' DXD A 6 -0.27 -1.31 -1.70
C5' DXD A 6 0.46 -1.00 -0.50
C4' DXD A 6 0.43 0.49 -0.08
C1' DXD A 6 -0.38 2.13 -1.81
C6' DXD A 6 1.04 1.38 -1.17
O6' DXD A 6 -0.17 2.47 -3.19
C2' DXD A 6 -1.41 1.07 -1.49
C3' DXD A 6 -1.05 0.91 0.08
O3' DXD A 6 -1.28 2.16 0.75
H5'1 DXD A 6 1.50 -1.25 -0.69
H5'2 DXD A 6 0.07 -1.60 0.32
H4' DXD A 6 1.03 0.46 0.83
H1' DXD A 6 -1.01 2.92 -1.40
H6'1 DXD A 6 1.50 2.29 -0.79
H6'2 DXD A 6 1.84 0.70 -1.48
H7' DXD A 6 0.14 1.68 -3.63
H2'1 DXD A 6 -1.21 0.25 -2.18
H2'2 DXD A 6 -2.43 1.40 -1.69
H3' DXD A 6 -1.54 0.21 0.75
P DXD A 6 -0.39 -3.52 -0.03
OP1 DXD A 6 -1.02 -3.72 1.29
OP2 DXD A 6 -1.14 -3.87 -1.26
O5' DXD A 6 0.08 -1.98 -0.15
C5' DXD A 6 0.80 -1.35 0.91
C4' DXD A 6 0.60 0.18 1.06
C1' DXD A 6 -0.46 1.37 -0.91
C6' DXD A 6 1.06 0.91 -0.22
O6' DXD A 6 -0.35 1.51 -2.33
C2' DXD A 6 -1.34 0.26 -0.35
C3' DXD A 6 -0.92 0.44 1.19
O3' DXD A 6 -1.28 1.76 1.65
H5'1 DXD A 6 1.87 -1.49 0.73
H5'2 DXD A 6 0.51 -1.81 1.86
H4' DXD A 6 1.22 0.40 1.91
H1' DXD A 6 -1.17 2.13 -0.61
H6'1 DXD A 6 1.40 1.93 -0.02
H6'2 DXD A 6 1.92 0.30 -0.44
H7' DXD A 6 0.06 0.70 -2.66
H2'1 DXD A 6 -1.06 -0.65 -0.89
H2'2 DXD A 6 -2.40 0.43 -0.56
H3' DXD A 6 -1.30 -0.18 2.01
P DXD A 6 0.27 -3.44 -0.37
OP1 DXD A 6 -0.31 -3.62 0.98
OP2 DXD A 6 -0.49 -3.86 -1.57
O5' DXD A 6 0.67 -1.89 -0.55
C5' DXD A 6 1.40 -1.19 0.47
C4' DXD A 6 1.15 0.34 0.54
C1' DXD A 6 -0.03 1.40 -1.42
C6' DXD A 6 1.53 1.03 -0.77
O6' DXD A 6 0.01 1.49 -2.85
C2' DXD A 6 -0.84 0.29 -0.79
C3' DXD A 6 -0.37 0.55 0.73
O3' DXD A 6 -0.74 1.87 1.15
H5'1 DXD A 6 2.46 -1.30 0.25
H5'2 DXD A 6 1.15 -1.62 1.43
H4' DXD A 6 1.80 0.62 1.37
H1' DXD A 6 -0.75 2.15 -1.12
H6'1 DXD A 6 1.85 2.06 -0.64
H6'2 DXD A 6 2.41 0.42 -1.00
H7' DXD A 6 0.44 0.69 -3.17
H2'1 DXD A 6 -0.56 -0.63 -1.29
H2'2 DXD A 6 -1.91 0.42 -0.95
H3' DXD A 6 -0.69 -0.04 1.59
P DXD A 6 0.00 -3.29 0.81
OP1 DXD A 6 -0.51 -3.41 2.20
OP2 DXD A 6 -0.79 -3.82 -0.31
O5' DXD A 6 0.31 -1.73 0.51
C5' DXD A 6 1.05 -0.93 1.44
C4' DXD A 6 0.83 0.60 1.36
C1' DXD A 6 -0.38 1.45 -0.70
C6' DXD A 6 1.19 1.14 -0.02
O6' DXD A 6 -0.35 1.39 -2.13
C2' DXD A 6 -1.19 0.42 0.07
C3' DXD A 6 -0.69 0.84 1.55
O3' DXD A 6 -1.03 2.21 1.82
H5'1 DXD A 6 2.12 -1.07 1.23
H5'2 DXD A 6 0.82 -1.27 2.45
H4' DXD A 6 1.48 0.95 2.14
H1' DXD A 6 -1.09 2.24 -0.48
H6'1 DXD A 6 1.52 2.18 -0.01
H6'2 DXD A 6 2.06 0.51 -0.19
H7' DXD A 6 0.07 0.55 -2.36
H2'1 DXD A 6 -0.92 -0.54 -0.35
H2'2 DXD A 6 -2.26 0.55 -0.09
H3' DXD A 6 -1.00 0.35 2.46
P DXD A 6 -0.01 -4.26 -0.35
OP1 DXD A 6 -0.71 -4.48 0.94
OP2 DXD A 6 -0.57 -4.83 -1.59
O5' DXD A 6 0.18 -2.67 -0.55
C5' DXD A 6 0.71 -1.86 0.51
C4' DXD A 6 0.38 -0.35 0.44
C1' DXD A 6 -0.55 0.53 -1.74
C6' DXD A 6 0.92 0.28 -0.85
O6' DXD A 6 -0.30 0.55 -3.14
C2' DXD A 6 -1.40 -0.58 -1.15
C3' DXD A 6 -1.15 -0.22 0.39
O3' DXD A 6 -1.64 1.11 0.68
H5'1 DXD A 6 1.80 -1.92 0.46
H5'2 DXD A 6 0.35 -2.25 1.45
H4' DXD A 6 0.88 0.02 1.34
H1' DXD A 6 -1.35 1.27 -1.60
H6'1 DXD A 6 1.17 1.34 -0.74
H6'2 DXD A 6 1.84 -0.29 -0.91
H7' DXD A 6 0.23 1.33 -3.33
H2'1 DXD A 6 -0.99 -1.50 -1.56
H2'2 DXD A 6 -2.43 -0.52 -1.48
H3' DXD A 6 -1.59 -0.77 1.24
P DXD A 6 0.08 -2.47 1.47
OP1 DXD A 6 -0.27 -2.42 2.91
OP2 DXD A 6 -0.87 -3.06 0.50
O5' DXD A 6 0.44 -0.98 0.97
C5' DXD A 6 1.26 -0.10 1.75
C4' DXD A 6 1.01 1.40 1.55
C1' DXD A 6 -0.35 2.07 -0.49
C6' DXD A 6 1.26 1.83 0.10
O6' DXD A 6 -0.43 1.87 -1.90
C2' DXD A 6 -1.10 1.12 0.43
C3' DXD A 6 -0.50 1.65 1.82
O3' DXD A 6 -0.86 3.02 2.02
H5'1 DXD A 6 2.31 -0.26 1.47
H5'2 DXD A 6 1.11 -0.33 2.80
H4' DXD A 6 1.72 1.84 2.24
H1' DXD A 6 -1.06 2.88 -0.27
H6'1 DXD A 6 1.58 2.86 -0.01
H6'2 DXD A 6 2.13 1.18 -0.09
H7' DXD A 6 -1.37 1.79 -2.12
H2'1 DXD A 6 -0.83 0.12 0.07
H2'2 DXD A 6 -2.17 1.21 0.34
H3' DXD A 6 -0.72 1.22 2.80
P DXD A 6 -0.12 -3.67 0.47
OP1 DXD A 6 -0.38 -4.01 1.89
OP2 DXD A 6 -1.11 -4.04 -0.57
O5' DXD A 6 0.13 -2.07 0.36
C5' DXD A 6 1.00 -1.39 1.28
C4' DXD A 6 0.83 0.15 1.36
C1' DXD A 6 -0.50 1.21 -0.52
C6' DXD A 6 1.10 0.80 0.00
O6' DXD A 6 -0.57 1.22 -1.95
C2' DXD A 6 -1.30 0.16 0.24
C3' DXD A 6 -0.65 0.45 1.70
O3' DXD A 6 -0.89 1.81 2.09
H5'1 DXD A 6 2.03 -1.56 0.96
H5'2 DXD A 6 0.84 -1.81 2.27
H4' DXD A 6 1.57 0.41 2.11
H1' DXD A 6 -1.18 2.00 -0.19
H6'1 DXD A 6 1.46 1.83 0.08
H6'2 DXD A 6 1.93 0.16 -0.29
H7' DXD A 6 -0.03 1.95 -2.25
H2'1 DXD A 6 -1.10 -0.78 -0.25
H2'2 DXD A 6 -2.37 0.34 0.18
H3' DXD A 6 -0.92 -0.09 2.61
#